data_7ONO
#
_entry.id   7ONO
#
_cell.length_a   109.280
_cell.length_b   109.280
_cell.length_c   143.229
_cell.angle_alpha   90.000
_cell.angle_beta   90.000
_cell.angle_gamma   120.000
#
_symmetry.space_group_name_H-M   'P 62 2 2'
#
loop_
_entity.id
_entity.type
_entity.pdbx_description
1 polymer 'Peptidoglycan D,D-transpeptidase FtsI'
2 non-polymer 'trimethylamine oxide'
3 water water
#
_entity_poly.entity_id   1
_entity_poly.type   'polypeptide(L)'
_entity_poly.pdbx_seq_one_letter_code
;STSRGMITDRSGRPLAVSVPVGGGESRRYYPSGEVTAHLIGFTNVDSQGIEGVEKSFDKWLTGQGGGAAHNLALSIDERL
QALVYRELNNAVAFNKAESGSAVLVDVNTGEVLAMANSPSYNPNNLSGTPKEAMRNRTITDVFEPGSTVKPMVVMTALQR
GVVRENSVLNTIPYRINGHEIKDVARYSELTLTGVLQKSSNVGVSKLALAMPSSALVDTYSRFGLGKATNLGLVGERSGL
YPQKQRWSDIERATFSFGYGLMVTPLQLARVYATIGSYGIYRPLSITKVDPPVPGERVFPESIVRTVVHMMESVALPGGG
GVKAAIKGYRIAIKTGTAKKVGPDGRYINKYIAYTAGVAPASQPRFALVVVINDPQAGKYYGGAVSAPVFGAIMGGVLRT
MNIEPDALTT
;
_entity_poly.pdbx_strand_id   A
#
# COMPACT_ATOMS: atom_id res chain seq x y z
N THR A 2 -5.72 -12.07 -36.88
CA THR A 2 -5.07 -11.19 -35.91
C THR A 2 -4.95 -11.87 -34.56
N SER A 3 -3.80 -12.49 -34.29
CA SER A 3 -3.56 -13.19 -33.04
C SER A 3 -2.99 -12.23 -32.00
N ARG A 4 -2.81 -12.75 -30.78
CA ARG A 4 -2.27 -11.95 -29.68
C ARG A 4 -1.67 -12.91 -28.65
N GLY A 5 -0.54 -12.52 -28.09
CA GLY A 5 0.14 -13.33 -27.11
C GLY A 5 -0.67 -13.50 -25.83
N MET A 6 -0.20 -14.41 -24.98
CA MET A 6 -0.85 -14.74 -23.73
C MET A 6 -0.03 -14.22 -22.56
N ILE A 7 -0.67 -13.50 -21.64
CA ILE A 7 -0.05 -13.05 -20.41
C ILE A 7 -0.46 -13.98 -19.29
N THR A 8 0.52 -14.41 -18.50
CA THR A 8 0.30 -15.35 -17.40
C THR A 8 0.83 -14.73 -16.10
N ASP A 9 0.62 -15.45 -15.00
CA ASP A 9 1.14 -15.04 -13.70
C ASP A 9 2.60 -15.48 -13.60
N ARG A 10 3.18 -15.36 -12.40
CA ARG A 10 4.57 -15.74 -12.21
C ARG A 10 4.81 -17.24 -12.33
N SER A 11 3.75 -18.05 -12.29
CA SER A 11 3.89 -19.51 -12.39
C SER A 11 3.40 -20.07 -13.71
N GLY A 12 2.78 -19.26 -14.56
CA GLY A 12 2.28 -19.71 -15.86
C GLY A 12 0.78 -19.84 -15.96
N ARG A 13 0.04 -19.54 -14.89
CA ARG A 13 -1.41 -19.63 -14.95
C ARG A 13 -1.97 -18.54 -15.87
N PRO A 14 -2.82 -18.88 -16.83
CA PRO A 14 -3.28 -17.88 -17.80
C PRO A 14 -4.15 -16.82 -17.15
N LEU A 15 -3.90 -15.57 -17.53
CA LEU A 15 -4.73 -14.44 -17.13
C LEU A 15 -5.44 -13.77 -18.30
N ALA A 16 -5.00 -14.00 -19.54
CA ALA A 16 -5.65 -13.46 -20.72
C ALA A 16 -5.18 -14.27 -21.92
N VAL A 17 -6.10 -14.99 -22.56
CA VAL A 17 -5.78 -15.84 -23.69
C VAL A 17 -6.67 -15.46 -24.87
N SER A 18 -6.29 -15.94 -26.05
CA SER A 18 -7.05 -15.72 -27.28
C SER A 18 -7.57 -17.08 -27.75
N VAL A 19 -8.86 -17.29 -27.62
CA VAL A 19 -9.49 -18.56 -27.99
C VAL A 19 -10.21 -18.41 -29.32
N PRO A 20 -10.18 -19.42 -30.19
CA PRO A 20 -10.80 -19.28 -31.51
C PRO A 20 -12.32 -19.30 -31.43
N VAL A 21 -12.94 -18.31 -32.08
CA VAL A 21 -14.39 -18.26 -32.26
C VAL A 21 -14.63 -18.21 -33.76
N GLY A 22 -15.02 -19.33 -34.34
CA GLY A 22 -15.13 -19.43 -35.78
C GLY A 22 -13.87 -19.98 -36.42
N GLY A 23 -13.87 -19.97 -37.74
CA GLY A 23 -12.73 -20.45 -38.50
C GLY A 23 -11.56 -19.48 -38.49
N GLY A 24 -10.50 -19.82 -37.77
CA GLY A 24 -9.31 -18.97 -37.72
C GLY A 24 -9.39 -17.76 -36.80
N GLU A 25 -10.45 -16.97 -36.92
CA GLU A 25 -10.59 -15.78 -36.09
C GLU A 25 -10.75 -16.19 -34.62
N SER A 26 -10.10 -15.44 -33.73
CA SER A 26 -10.09 -15.74 -32.32
C SER A 26 -10.59 -14.53 -31.53
N ARG A 27 -10.97 -14.79 -30.28
CA ARG A 27 -11.47 -13.77 -29.37
C ARG A 27 -10.68 -13.81 -28.07
N ARG A 28 -10.51 -12.65 -27.45
CA ARG A 28 -9.73 -12.54 -26.23
C ARG A 28 -10.56 -12.97 -25.03
N TYR A 29 -10.00 -13.88 -24.23
CA TYR A 29 -10.68 -14.42 -23.05
C TYR A 29 -9.84 -14.18 -21.81
N TYR A 30 -10.50 -13.77 -20.73
CA TYR A 30 -9.83 -13.48 -19.46
C TYR A 30 -10.35 -14.42 -18.38
N PRO A 31 -9.63 -15.51 -18.09
CA PRO A 31 -10.18 -16.49 -17.14
C PRO A 31 -10.26 -16.00 -15.70
N SER A 32 -9.43 -15.03 -15.31
CA SER A 32 -9.50 -14.52 -13.94
C SER A 32 -10.75 -13.67 -13.74
N GLY A 33 -11.24 -13.03 -14.79
CA GLY A 33 -12.48 -12.27 -14.68
C GLY A 33 -12.27 -10.98 -13.90
N GLU A 34 -13.12 -10.78 -12.89
CA GLU A 34 -13.08 -9.58 -12.08
C GLU A 34 -11.99 -9.59 -11.02
N VAL A 35 -11.33 -10.73 -10.80
CA VAL A 35 -10.30 -10.81 -9.77
C VAL A 35 -9.10 -9.95 -10.12
N THR A 36 -8.81 -9.80 -11.42
CA THR A 36 -7.67 -9.00 -11.87
C THR A 36 -8.08 -8.17 -13.08
N ALA A 37 -9.24 -7.51 -12.98
CA ALA A 37 -9.76 -6.75 -14.12
C ALA A 37 -9.04 -5.43 -14.30
N HIS A 38 -8.72 -4.74 -13.20
CA HIS A 38 -8.10 -3.42 -13.31
C HIS A 38 -6.66 -3.52 -13.79
N LEU A 39 -5.95 -4.59 -13.43
CA LEU A 39 -4.56 -4.71 -13.82
C LEU A 39 -4.41 -5.25 -15.24
N ILE A 40 -5.13 -6.34 -15.56
CA ILE A 40 -5.01 -6.94 -16.87
C ILE A 40 -5.52 -6.00 -17.95
N GLY A 41 -6.76 -5.52 -17.79
CA GLY A 41 -7.36 -4.65 -18.78
C GLY A 41 -8.27 -5.39 -19.73
N PHE A 42 -8.44 -4.86 -20.93
CA PHE A 42 -9.34 -5.47 -21.91
C PHE A 42 -8.98 -4.96 -23.30
N THR A 43 -9.64 -5.53 -24.30
CA THR A 43 -9.48 -5.13 -25.69
C THR A 43 -10.85 -4.82 -26.28
N ASN A 44 -10.85 -4.10 -27.40
CA ASN A 44 -12.10 -3.73 -28.07
C ASN A 44 -12.53 -4.84 -29.02
N VAL A 45 -13.16 -4.46 -30.14
CA VAL A 45 -13.58 -5.46 -31.12
C VAL A 45 -12.38 -6.09 -31.80
N ASP A 46 -11.32 -5.33 -32.02
CA ASP A 46 -10.10 -5.85 -32.62
C ASP A 46 -9.16 -6.29 -31.49
N SER A 47 -7.88 -6.43 -31.78
CA SER A 47 -6.88 -6.83 -30.79
C SER A 47 -5.99 -5.63 -30.46
N GLN A 48 -6.57 -4.66 -29.76
CA GLN A 48 -5.85 -3.48 -29.32
C GLN A 48 -6.09 -3.26 -27.83
N GLY A 49 -5.04 -2.82 -27.13
CA GLY A 49 -5.13 -2.62 -25.70
C GLY A 49 -5.67 -1.24 -25.36
N ILE A 50 -6.69 -1.21 -24.51
CA ILE A 50 -7.29 0.04 -24.08
C ILE A 50 -7.00 0.34 -22.61
N GLU A 51 -6.83 -0.68 -21.77
CA GLU A 51 -6.58 -0.47 -20.35
C GLU A 51 -5.64 -1.55 -19.84
N GLY A 52 -5.00 -1.26 -18.71
CA GLY A 52 -4.17 -2.22 -18.00
C GLY A 52 -2.98 -2.71 -18.80
N VAL A 53 -2.58 -3.94 -18.50
CA VAL A 53 -1.41 -4.53 -19.16
C VAL A 53 -1.68 -4.75 -20.65
N GLU A 54 -2.95 -4.96 -21.04
CA GLU A 54 -3.27 -5.15 -22.44
C GLU A 54 -2.85 -3.95 -23.29
N LYS A 55 -2.83 -2.76 -22.69
CA LYS A 55 -2.37 -1.55 -23.38
C LYS A 55 -0.91 -1.21 -23.09
N SER A 56 -0.46 -1.43 -21.86
CA SER A 56 0.91 -1.09 -21.50
C SER A 56 1.92 -1.98 -22.22
N PHE A 57 1.54 -3.20 -22.58
CA PHE A 57 2.39 -4.12 -23.31
C PHE A 57 1.77 -4.51 -24.65
N ASP A 58 1.01 -3.59 -25.25
CA ASP A 58 0.26 -3.92 -26.46
C ASP A 58 1.19 -4.25 -27.62
N LYS A 59 2.33 -3.58 -27.70
CA LYS A 59 3.29 -3.85 -28.77
C LYS A 59 4.04 -5.16 -28.54
N TRP A 60 4.31 -5.51 -27.29
CA TRP A 60 5.01 -6.76 -27.01
C TRP A 60 4.12 -7.96 -27.23
N LEU A 61 2.82 -7.84 -26.97
CA LEU A 61 1.91 -8.97 -27.15
C LEU A 61 1.68 -9.26 -28.63
N THR A 62 1.32 -8.25 -29.41
CA THR A 62 1.13 -8.45 -30.84
C THR A 62 2.45 -8.71 -31.54
N GLY A 63 3.46 -7.90 -31.24
CA GLY A 63 4.77 -8.09 -31.83
C GLY A 63 4.82 -7.93 -33.33
N GLN A 64 4.00 -7.03 -33.88
CA GLN A 64 3.96 -6.82 -35.32
C GLN A 64 5.21 -6.08 -35.77
N GLY A 65 5.95 -6.66 -36.72
CA GLY A 65 7.17 -6.07 -37.22
C GLY A 65 8.43 -6.49 -36.50
N GLY A 66 8.31 -7.20 -35.36
CA GLY A 66 9.48 -7.64 -34.63
C GLY A 66 9.36 -9.08 -34.18
N GLY A 67 9.45 -10.01 -35.13
CA GLY A 67 9.34 -11.42 -34.81
C GLY A 67 7.90 -11.85 -34.58
N ALA A 68 7.76 -13.02 -33.96
CA ALA A 68 6.44 -13.56 -33.66
C ALA A 68 5.91 -12.96 -32.36
N ALA A 69 4.64 -13.23 -32.08
CA ALA A 69 4.02 -12.76 -30.86
C ALA A 69 4.65 -13.46 -29.65
N HIS A 70 4.82 -12.70 -28.57
CA HIS A 70 5.48 -13.20 -27.37
C HIS A 70 4.49 -13.26 -26.21
N ASN A 71 4.90 -13.96 -25.16
CA ASN A 71 4.15 -14.06 -23.92
C ASN A 71 4.78 -13.19 -22.85
N LEU A 72 4.01 -12.94 -21.79
CA LEU A 72 4.46 -12.10 -20.69
C LEU A 72 4.07 -12.75 -19.37
N ALA A 73 5.00 -12.79 -18.43
CA ALA A 73 4.79 -13.37 -17.11
C ALA A 73 4.75 -12.24 -16.08
N LEU A 74 3.57 -11.91 -15.59
CA LEU A 74 3.43 -10.87 -14.60
C LEU A 74 3.93 -11.36 -13.25
N SER A 75 4.33 -10.40 -12.41
CA SER A 75 4.80 -10.71 -11.06
C SER A 75 3.68 -11.12 -10.12
N ILE A 76 2.43 -11.16 -10.60
CA ILE A 76 1.29 -11.51 -9.76
C ILE A 76 1.28 -13.01 -9.55
N ASP A 77 0.86 -13.43 -8.35
CA ASP A 77 0.58 -14.83 -8.05
C ASP A 77 -0.93 -14.98 -7.93
N GLU A 78 -1.54 -15.74 -8.83
CA GLU A 78 -2.99 -15.84 -8.87
C GLU A 78 -3.56 -16.43 -7.59
N ARG A 79 -2.79 -17.28 -6.91
CA ARG A 79 -3.23 -17.78 -5.61
C ARG A 79 -3.38 -16.65 -4.61
N LEU A 80 -2.40 -15.76 -4.55
CA LEU A 80 -2.48 -14.62 -3.65
C LEU A 80 -3.48 -13.59 -4.15
N GLN A 81 -3.52 -13.37 -5.47
CA GLN A 81 -4.46 -12.42 -6.04
C GLN A 81 -5.91 -12.82 -5.78
N ALA A 82 -6.19 -14.13 -5.73
CA ALA A 82 -7.55 -14.60 -5.50
C ALA A 82 -7.99 -14.29 -4.07
N LEU A 83 -7.16 -14.61 -3.08
CA LEU A 83 -7.55 -14.39 -1.69
C LEU A 83 -7.54 -12.91 -1.34
N VAL A 84 -6.69 -12.11 -2.00
CA VAL A 84 -6.69 -10.68 -1.74
C VAL A 84 -7.99 -10.04 -2.21
N TYR A 85 -8.44 -10.42 -3.41
CA TYR A 85 -9.69 -9.87 -3.93
C TYR A 85 -10.89 -10.40 -3.16
N ARG A 86 -10.84 -11.66 -2.72
CA ARG A 86 -11.97 -12.25 -2.02
C ARG A 86 -12.21 -11.56 -0.67
N GLU A 87 -11.14 -11.30 0.08
CA GLU A 87 -11.30 -10.65 1.38
C GLU A 87 -11.59 -9.16 1.23
N LEU A 88 -11.10 -8.54 0.16
CA LEU A 88 -11.32 -7.10 -0.04
C LEU A 88 -12.71 -6.82 -0.60
N ASN A 89 -13.15 -7.60 -1.58
CA ASN A 89 -14.46 -7.37 -2.18
C ASN A 89 -15.58 -7.61 -1.18
N ASN A 90 -15.41 -8.55 -0.25
CA ASN A 90 -16.41 -8.79 0.77
C ASN A 90 -16.32 -7.78 1.90
N ALA A 91 -15.14 -7.20 2.13
CA ALA A 91 -15.00 -6.19 3.18
C ALA A 91 -15.61 -4.86 2.75
N VAL A 92 -15.45 -4.49 1.49
CA VAL A 92 -16.06 -3.26 0.98
C VAL A 92 -17.58 -3.37 1.05
N ALA A 93 -18.13 -4.57 0.78
CA ALA A 93 -19.56 -4.76 0.86
C ALA A 93 -20.04 -4.81 2.31
N PHE A 94 -19.27 -5.47 3.18
CA PHE A 94 -19.68 -5.61 4.58
C PHE A 94 -19.71 -4.24 5.27
N ASN A 95 -18.75 -3.38 4.97
CA ASN A 95 -18.69 -2.04 5.55
C ASN A 95 -19.44 -1.00 4.74
N LYS A 96 -20.13 -1.41 3.67
CA LYS A 96 -20.88 -0.49 2.80
C LYS A 96 -19.96 0.62 2.29
N ALA A 97 -18.76 0.25 1.89
CA ALA A 97 -17.76 1.21 1.46
C ALA A 97 -17.95 1.59 -0.01
N GLU A 98 -17.52 2.80 -0.34
CA GLU A 98 -17.58 3.26 -1.72
C GLU A 98 -16.62 2.45 -2.60
N SER A 99 -15.39 2.25 -2.12
CA SER A 99 -14.39 1.51 -2.88
C SER A 99 -13.36 0.95 -1.91
N GLY A 100 -12.50 0.08 -2.45
CA GLY A 100 -11.45 -0.52 -1.66
C GLY A 100 -10.27 -0.95 -2.51
N SER A 101 -9.05 -0.79 -1.97
CA SER A 101 -7.83 -1.10 -2.70
C SER A 101 -6.90 -1.93 -1.83
N ALA A 102 -6.17 -2.84 -2.46
CA ALA A 102 -5.21 -3.68 -1.75
C ALA A 102 -4.03 -3.96 -2.67
N VAL A 103 -2.83 -3.72 -2.16
CA VAL A 103 -1.60 -3.96 -2.91
C VAL A 103 -0.65 -4.80 -2.05
N LEU A 104 -0.17 -5.89 -2.61
CA LEU A 104 0.77 -6.79 -1.94
C LEU A 104 2.08 -6.78 -2.71
N VAL A 105 3.18 -6.45 -2.04
CA VAL A 105 4.48 -6.29 -2.68
C VAL A 105 5.48 -7.22 -2.03
N ASP A 106 6.30 -7.87 -2.84
CA ASP A 106 7.41 -8.66 -2.33
C ASP A 106 8.48 -7.74 -1.77
N VAL A 107 8.97 -8.06 -0.57
CA VAL A 107 9.93 -7.19 0.10
C VAL A 107 11.31 -7.32 -0.54
N ASN A 108 11.77 -8.55 -0.77
CA ASN A 108 13.14 -8.78 -1.21
C ASN A 108 13.35 -8.51 -2.69
N THR A 109 12.28 -8.52 -3.50
CA THR A 109 12.42 -8.32 -4.94
C THR A 109 11.66 -7.10 -5.46
N GLY A 110 10.75 -6.53 -4.69
CA GLY A 110 9.96 -5.42 -5.18
C GLY A 110 8.87 -5.79 -6.15
N GLU A 111 8.66 -7.09 -6.39
CA GLU A 111 7.64 -7.55 -7.31
C GLU A 111 6.25 -7.42 -6.70
N VAL A 112 5.32 -6.89 -7.48
CA VAL A 112 3.92 -6.79 -7.05
C VAL A 112 3.30 -8.17 -7.15
N LEU A 113 2.99 -8.77 -5.99
CA LEU A 113 2.39 -10.10 -5.95
C LEU A 113 0.87 -10.07 -6.07
N ALA A 114 0.23 -8.96 -5.71
CA ALA A 114 -1.22 -8.89 -5.78
C ALA A 114 -1.63 -7.43 -5.90
N MET A 115 -2.71 -7.19 -6.65
CA MET A 115 -3.22 -5.84 -6.85
C MET A 115 -4.71 -5.97 -7.15
N ALA A 116 -5.55 -5.61 -6.18
CA ALA A 116 -7.00 -5.79 -6.31
C ALA A 116 -7.71 -4.47 -6.02
N ASN A 117 -8.92 -4.35 -6.57
CA ASN A 117 -9.77 -3.19 -6.38
C ASN A 117 -11.22 -3.63 -6.34
N SER A 118 -11.98 -3.06 -5.41
CA SER A 118 -13.40 -3.34 -5.28
C SER A 118 -14.15 -2.00 -5.22
N PRO A 119 -15.24 -1.85 -5.98
CA PRO A 119 -15.81 -2.86 -6.89
C PRO A 119 -15.02 -2.98 -8.20
N SER A 120 -15.23 -4.08 -8.91
CA SER A 120 -14.54 -4.36 -10.16
C SER A 120 -15.56 -4.60 -11.27
N TYR A 121 -15.05 -4.83 -12.48
CA TYR A 121 -15.86 -5.14 -13.64
C TYR A 121 -15.44 -6.49 -14.20
N ASN A 122 -16.17 -6.94 -15.22
CA ASN A 122 -15.86 -8.20 -15.89
C ASN A 122 -15.36 -7.92 -17.29
N PRO A 123 -14.07 -8.13 -17.58
CA PRO A 123 -13.56 -7.82 -18.93
C PRO A 123 -14.11 -8.74 -20.01
N ASN A 124 -14.70 -9.88 -19.65
CA ASN A 124 -15.28 -10.76 -20.67
C ASN A 124 -16.55 -10.17 -21.25
N ASN A 125 -17.24 -9.31 -20.51
CA ASN A 125 -18.44 -8.64 -21.00
C ASN A 125 -18.57 -7.31 -20.25
N LEU A 126 -18.10 -6.24 -20.88
CA LEU A 126 -18.14 -4.91 -20.29
C LEU A 126 -19.51 -4.25 -20.42
N SER A 127 -20.54 -5.01 -20.80
CA SER A 127 -21.88 -4.45 -20.93
C SER A 127 -22.47 -4.18 -19.55
N GLY A 128 -22.80 -2.92 -19.29
CA GLY A 128 -23.38 -2.53 -18.02
C GLY A 128 -22.39 -2.22 -16.92
N THR A 129 -21.17 -1.81 -17.28
CA THR A 129 -20.14 -1.49 -16.29
C THR A 129 -19.82 -0.01 -16.37
N PRO A 130 -20.10 0.76 -15.32
CA PRO A 130 -19.77 2.19 -15.34
C PRO A 130 -18.28 2.43 -15.31
N LYS A 131 -17.87 3.59 -15.83
CA LYS A 131 -16.46 3.95 -15.86
C LYS A 131 -15.91 4.22 -14.46
N GLU A 132 -16.78 4.57 -13.50
CA GLU A 132 -16.32 4.85 -12.14
C GLU A 132 -15.74 3.62 -11.46
N ALA A 133 -16.07 2.43 -11.93
CA ALA A 133 -15.54 1.18 -11.37
C ALA A 133 -14.60 0.47 -12.35
N MET A 134 -13.89 1.24 -13.17
CA MET A 134 -12.96 0.68 -14.14
C MET A 134 -11.53 1.13 -13.94
N ARG A 135 -11.30 2.34 -13.44
CA ARG A 135 -9.94 2.84 -13.26
C ARG A 135 -9.25 2.11 -12.11
N ASN A 136 -7.95 1.88 -12.27
CA ASN A 136 -7.16 1.19 -11.25
C ASN A 136 -6.97 2.13 -10.08
N ARG A 137 -7.77 1.94 -9.02
CA ARG A 137 -7.74 2.88 -7.89
C ARG A 137 -6.47 2.76 -7.07
N THR A 138 -5.69 1.69 -7.26
CA THR A 138 -4.43 1.55 -6.54
C THR A 138 -3.35 2.50 -7.05
N ILE A 139 -3.49 2.99 -8.28
CA ILE A 139 -2.50 3.88 -8.87
C ILE A 139 -3.08 5.21 -9.30
N THR A 140 -4.40 5.32 -9.45
CA THR A 140 -5.03 6.56 -9.91
C THR A 140 -5.58 7.41 -8.78
N ASP A 141 -5.84 6.82 -7.61
CA ASP A 141 -6.39 7.54 -6.47
C ASP A 141 -5.30 7.85 -5.47
N VAL A 142 -5.35 9.06 -4.91
CA VAL A 142 -4.41 9.52 -3.90
C VAL A 142 -5.17 9.80 -2.61
N PHE A 143 -4.47 9.67 -1.49
CA PHE A 143 -5.08 9.90 -0.19
C PHE A 143 -3.99 10.26 0.81
N GLU A 144 -4.40 10.88 1.91
CA GLU A 144 -3.47 11.23 2.97
C GLU A 144 -3.06 9.97 3.74
N PRO A 145 -1.77 9.64 3.80
CA PRO A 145 -1.36 8.41 4.48
C PRO A 145 -1.72 8.39 5.96
N GLY A 146 -1.75 9.56 6.61
CA GLY A 146 -2.20 9.60 7.99
C GLY A 146 -1.17 9.01 8.93
N SER A 147 -1.65 8.18 9.87
CA SER A 147 -0.79 7.62 10.90
C SER A 147 0.22 6.61 10.36
N THR A 148 0.12 6.23 9.08
CA THR A 148 1.06 5.26 8.52
C THR A 148 2.47 5.83 8.35
N VAL A 149 2.63 7.16 8.44
CA VAL A 149 3.97 7.76 8.35
C VAL A 149 4.64 7.89 9.71
N LYS A 150 3.94 7.56 10.80
CA LYS A 150 4.55 7.61 12.12
C LYS A 150 5.84 6.79 12.24
N PRO A 151 5.96 5.58 11.67
CA PRO A 151 7.25 4.87 11.79
C PRO A 151 8.42 5.63 11.20
N MET A 152 8.22 6.32 10.07
CA MET A 152 9.32 7.06 9.47
C MET A 152 9.69 8.29 10.30
N VAL A 153 8.75 8.82 11.09
CA VAL A 153 9.07 9.92 11.98
C VAL A 153 9.98 9.45 13.10
N VAL A 154 9.75 8.23 13.60
CA VAL A 154 10.61 7.69 14.65
C VAL A 154 11.97 7.32 14.09
N MET A 155 12.03 6.89 12.83
CA MET A 155 13.31 6.56 12.22
C MET A 155 14.20 7.79 12.10
N THR A 156 13.61 8.95 11.84
CA THR A 156 14.40 10.17 11.69
C THR A 156 14.89 10.68 13.04
N ALA A 157 14.03 10.65 14.06
CA ALA A 157 14.44 11.12 15.39
C ALA A 157 15.56 10.26 15.95
N LEU A 158 15.51 8.95 15.70
CA LEU A 158 16.59 8.08 16.15
C LEU A 158 17.87 8.32 15.36
N GLN A 159 17.74 8.57 14.06
CA GLN A 159 18.92 8.76 13.23
C GLN A 159 19.57 10.12 13.49
N ARG A 160 18.75 11.16 13.69
CA ARG A 160 19.26 12.50 13.96
CA ARG A 160 19.27 12.50 13.96
C ARG A 160 19.70 12.69 15.40
N GLY A 161 19.65 11.65 16.23
CA GLY A 161 20.05 11.77 17.61
C GLY A 161 19.13 12.60 18.47
N VAL A 162 17.92 12.91 18.00
CA VAL A 162 16.99 13.71 18.78
C VAL A 162 16.49 12.93 19.99
N VAL A 163 16.13 11.66 19.78
CA VAL A 163 15.54 10.83 20.82
C VAL A 163 16.15 9.43 20.73
N ARG A 164 16.49 8.86 21.88
CA ARG A 164 17.03 7.51 21.94
C ARG A 164 15.90 6.50 22.02
N GLU A 165 16.23 5.24 21.73
CA GLU A 165 15.22 4.19 21.64
C GLU A 165 14.49 3.97 22.96
N ASN A 166 15.15 4.25 24.08
CA ASN A 166 14.58 4.03 25.40
C ASN A 166 14.19 5.35 26.08
N SER A 167 13.86 6.37 25.30
CA SER A 167 13.49 7.67 25.83
C SER A 167 11.99 7.74 26.06
N VAL A 168 11.60 8.35 27.17
CA VAL A 168 10.19 8.52 27.54
C VAL A 168 9.78 9.96 27.21
N LEU A 169 8.77 10.10 26.35
CA LEU A 169 8.30 11.40 25.91
C LEU A 169 7.11 11.85 26.75
N ASN A 170 6.94 13.16 26.85
CA ASN A 170 5.82 13.76 27.58
C ASN A 170 4.68 13.98 26.60
N THR A 171 3.62 13.17 26.72
CA THR A 171 2.48 13.21 25.81
C THR A 171 1.34 14.07 26.35
N ILE A 172 1.64 15.07 27.16
CA ILE A 172 0.60 15.96 27.68
C ILE A 172 0.07 16.81 26.52
N PRO A 173 -1.25 16.89 26.33
CA PRO A 173 -1.78 17.67 25.21
C PRO A 173 -1.45 19.15 25.30
N TYR A 174 -0.63 19.63 24.37
CA TYR A 174 -0.22 21.02 24.31
C TYR A 174 -0.81 21.67 23.06
N ARG A 175 -0.49 22.95 22.86
CA ARG A 175 -1.04 23.72 21.75
C ARG A 175 0.08 24.33 20.93
N ILE A 176 -0.11 24.36 19.61
CA ILE A 176 0.86 24.93 18.69
C ILE A 176 0.27 26.21 18.09
N ASN A 177 0.51 27.34 18.77
CA ASN A 177 0.01 28.64 18.33
C ASN A 177 -1.51 28.65 18.21
N GLY A 178 -2.19 27.90 19.05
CA GLY A 178 -3.64 27.86 19.06
C GLY A 178 -4.27 26.65 18.41
N HIS A 179 -3.60 25.50 18.41
CA HIS A 179 -4.15 24.27 17.85
C HIS A 179 -4.02 23.16 18.89
N GLU A 180 -5.16 22.60 19.28
CA GLU A 180 -5.19 21.57 20.32
C GLU A 180 -4.63 20.27 19.76
N ILE A 181 -3.37 19.99 20.09
CA ILE A 181 -2.73 18.73 19.70
C ILE A 181 -2.92 17.76 20.86
N LYS A 182 -3.91 16.88 20.74
CA LYS A 182 -4.27 15.95 21.80
C LYS A 182 -4.54 14.58 21.20
N ASP A 183 -4.54 13.58 22.07
CA ASP A 183 -4.84 12.20 21.70
C ASP A 183 -6.17 11.78 22.30
N VAL A 184 -6.70 10.66 21.78
CA VAL A 184 -7.94 10.11 22.31
C VAL A 184 -7.76 9.71 23.77
N ALA A 185 -6.84 8.79 24.03
CA ALA A 185 -6.48 8.41 25.39
C ALA A 185 -5.32 9.29 25.82
N ARG A 186 -5.62 10.28 26.66
CA ARG A 186 -4.62 11.24 27.11
C ARG A 186 -3.66 10.57 28.10
N TYR A 187 -2.50 10.17 27.61
CA TYR A 187 -1.46 9.61 28.45
C TYR A 187 -0.50 10.71 28.90
N SER A 188 -0.15 10.69 30.20
CA SER A 188 0.78 11.69 30.71
C SER A 188 2.15 11.57 30.08
N GLU A 189 2.61 10.34 29.85
CA GLU A 189 3.88 10.10 29.20
C GLU A 189 3.85 8.73 28.55
N LEU A 190 4.61 8.58 27.47
CA LEU A 190 4.67 7.33 26.73
C LEU A 190 6.11 7.05 26.32
N THR A 191 6.51 5.79 26.41
CA THR A 191 7.80 5.37 25.89
C THR A 191 7.82 5.50 24.36
N LEU A 192 9.03 5.51 23.80
CA LEU A 192 9.16 5.68 22.36
C LEU A 192 8.44 4.56 21.61
N THR A 193 8.50 3.33 22.13
CA THR A 193 7.72 2.24 21.54
C THR A 193 6.23 2.45 21.73
N GLY A 194 5.83 3.05 22.85
CA GLY A 194 4.42 3.30 23.11
C GLY A 194 3.82 4.40 22.24
N VAL A 195 4.65 5.29 21.70
CA VAL A 195 4.15 6.33 20.82
C VAL A 195 3.57 5.72 19.55
N LEU A 196 4.28 4.74 18.97
CA LEU A 196 3.75 4.02 17.82
C LEU A 196 2.62 3.09 18.22
N GLN A 197 2.63 2.60 19.46
CA GLN A 197 1.58 1.71 19.93
C GLN A 197 0.24 2.43 19.99
N LYS A 198 0.22 3.61 20.61
CA LYS A 198 -1.00 4.40 20.75
C LYS A 198 -1.20 5.37 19.60
N SER A 199 -0.27 5.43 18.64
CA SER A 199 -0.32 6.40 17.54
C SER A 199 -0.47 7.81 18.09
N SER A 200 0.31 8.12 19.13
CA SER A 200 0.18 9.40 19.82
C SER A 200 0.63 10.54 18.92
N ASN A 201 -0.29 11.43 18.58
CA ASN A 201 0.07 12.62 17.79
C ASN A 201 0.90 13.60 18.61
N VAL A 202 0.67 13.67 19.92
CA VAL A 202 1.45 14.56 20.77
C VAL A 202 2.91 14.12 20.82
N GLY A 203 3.16 12.82 20.78
CA GLY A 203 4.53 12.33 20.85
C GLY A 203 5.30 12.61 19.57
N VAL A 204 4.69 12.31 18.42
CA VAL A 204 5.37 12.52 17.14
C VAL A 204 5.44 14.00 16.77
N SER A 205 4.59 14.83 17.35
CA SER A 205 4.69 16.27 17.10
C SER A 205 5.90 16.87 17.80
N LYS A 206 6.24 16.36 18.99
CA LYS A 206 7.45 16.78 19.66
C LYS A 206 8.69 16.40 18.87
N LEU A 207 8.65 15.26 18.18
CA LEU A 207 9.80 14.83 17.39
C LEU A 207 10.00 15.69 16.16
N ALA A 208 8.90 16.06 15.49
CA ALA A 208 9.01 16.84 14.27
C ALA A 208 9.51 18.25 14.54
N LEU A 209 9.03 18.88 15.61
CA LEU A 209 9.45 20.23 15.95
C LEU A 209 10.87 20.28 16.50
N ALA A 210 11.41 19.14 16.95
CA ALA A 210 12.76 19.07 17.49
C ALA A 210 13.81 18.80 16.41
N MET A 211 13.47 19.04 15.14
CA MET A 211 14.40 18.83 14.03
C MET A 211 13.92 19.68 12.87
N PRO A 212 14.84 20.05 11.95
CA PRO A 212 14.44 20.92 10.84
C PRO A 212 13.35 20.29 9.97
N SER A 213 12.63 21.17 9.27
CA SER A 213 11.51 20.71 8.46
C SER A 213 11.98 19.84 7.29
N SER A 214 13.22 20.03 6.83
CA SER A 214 13.74 19.24 5.73
C SER A 214 14.06 17.80 6.14
N ALA A 215 13.99 17.47 7.43
CA ALA A 215 14.30 16.12 7.87
C ALA A 215 13.24 15.12 7.38
N LEU A 216 11.98 15.34 7.77
CA LEU A 216 10.92 14.44 7.36
C LEU A 216 10.64 14.52 5.87
N VAL A 217 10.88 15.68 5.25
CA VAL A 217 10.73 15.81 3.81
C VAL A 217 11.75 14.93 3.10
N ASP A 218 12.97 14.85 3.64
CA ASP A 218 13.99 13.98 3.05
C ASP A 218 13.73 12.52 3.36
N THR A 219 13.20 12.23 4.55
CA THR A 219 12.97 10.84 4.94
C THR A 219 11.87 10.19 4.12
N TYR A 220 10.75 10.91 3.92
CA TYR A 220 9.67 10.36 3.13
C TYR A 220 10.09 10.15 1.67
N SER A 221 10.91 11.05 1.14
CA SER A 221 11.38 10.91 -0.23
C SER A 221 12.30 9.70 -0.39
N ARG A 222 13.04 9.34 0.66
CA ARG A 222 13.92 8.19 0.58
C ARG A 222 13.13 6.89 0.47
N PHE A 223 11.94 6.83 1.05
CA PHE A 223 11.11 5.63 1.00
C PHE A 223 10.21 5.58 -0.21
N GLY A 224 10.25 6.60 -1.08
CA GLY A 224 9.51 6.58 -2.33
C GLY A 224 8.34 7.54 -2.39
N LEU A 225 8.00 8.21 -1.29
CA LEU A 225 6.89 9.16 -1.32
C LEU A 225 7.25 10.35 -2.18
N GLY A 226 6.33 10.72 -3.08
CA GLY A 226 6.56 11.81 -4.00
C GLY A 226 7.32 11.42 -5.26
N LYS A 227 7.54 10.14 -5.49
CA LYS A 227 8.26 9.66 -6.66
C LYS A 227 7.37 8.71 -7.46
N ALA A 228 7.53 8.74 -8.79
CA ALA A 228 6.74 7.89 -9.66
C ALA A 228 7.10 6.43 -9.47
N THR A 229 6.08 5.57 -9.41
CA THR A 229 6.31 4.15 -9.22
C THR A 229 6.87 3.48 -10.47
N ASN A 230 6.66 4.06 -11.64
CA ASN A 230 7.22 3.57 -12.90
C ASN A 230 6.85 2.12 -13.17
N LEU A 231 5.61 1.87 -13.58
CA LEU A 231 5.18 0.55 -13.99
C LEU A 231 4.74 0.48 -15.46
N GLY A 232 4.27 1.59 -16.02
CA GLY A 232 3.82 1.63 -17.40
C GLY A 232 2.31 1.62 -17.57
N LEU A 233 1.56 1.45 -16.50
CA LEU A 233 0.10 1.40 -16.58
C LEU A 233 -0.46 2.80 -16.80
N VAL A 234 -1.63 2.85 -17.44
CA VAL A 234 -2.26 4.13 -17.74
C VAL A 234 -2.83 4.74 -16.48
N GLY A 235 -2.77 6.07 -16.38
CA GLY A 235 -3.28 6.76 -15.22
C GLY A 235 -2.43 6.65 -13.97
N GLU A 236 -1.24 6.06 -14.07
CA GLU A 236 -0.37 5.86 -12.91
C GLU A 236 0.07 7.20 -12.33
N ARG A 237 -0.55 7.61 -11.23
N ARG A 237 -0.57 7.61 -11.24
CA ARG A 237 -0.25 8.90 -10.62
CA ARG A 237 -0.26 8.87 -10.59
C ARG A 237 0.89 8.78 -9.63
C ARG A 237 1.00 8.74 -9.73
N SER A 238 1.65 9.88 -9.50
CA SER A 238 2.80 9.94 -8.62
C SER A 238 2.50 10.65 -7.30
N GLY A 239 1.23 10.99 -7.06
CA GLY A 239 0.85 11.65 -5.83
C GLY A 239 1.14 13.13 -5.83
N LEU A 240 0.80 13.77 -4.72
CA LEU A 240 1.02 15.20 -4.52
C LEU A 240 1.98 15.37 -3.34
N TYR A 241 3.14 15.96 -3.61
CA TYR A 241 4.17 16.10 -2.60
C TYR A 241 4.56 17.57 -2.44
N PRO A 242 4.69 18.05 -1.20
CA PRO A 242 5.04 19.46 -0.99
C PRO A 242 6.50 19.73 -1.34
N GLN A 243 6.73 20.76 -2.15
CA GLN A 243 8.06 21.20 -2.54
C GLN A 243 8.38 22.58 -1.97
N LYS A 244 7.81 22.91 -0.81
CA LYS A 244 7.99 24.21 -0.22
C LYS A 244 9.31 24.29 0.55
N GLN A 245 9.73 25.53 0.83
CA GLN A 245 10.93 25.79 1.61
C GLN A 245 10.65 26.46 2.94
N ARG A 246 9.51 27.12 3.09
CA ARG A 246 9.12 27.78 4.32
C ARG A 246 7.98 27.00 4.95
N TRP A 247 8.19 26.55 6.20
CA TRP A 247 7.20 25.79 6.93
C TRP A 247 6.76 26.56 8.16
N SER A 248 5.53 26.30 8.60
CA SER A 248 4.99 26.90 9.81
C SER A 248 5.07 25.90 10.96
N ASP A 249 4.76 26.39 12.16
CA ASP A 249 4.81 25.54 13.35
C ASP A 249 3.73 24.46 13.30
N ILE A 250 2.62 24.72 12.61
CA ILE A 250 1.54 23.75 12.54
C ILE A 250 1.67 22.85 11.30
N GLU A 251 2.25 23.35 10.21
CA GLU A 251 2.42 22.52 9.03
C GLU A 251 3.48 21.45 9.24
N ARG A 252 4.49 21.73 10.07
CA ARG A 252 5.47 20.70 10.40
C ARG A 252 4.86 19.60 11.25
N ALA A 253 3.88 19.94 12.10
CA ALA A 253 3.23 18.94 12.93
C ALA A 253 2.27 18.08 12.11
N THR A 254 1.44 18.72 11.28
CA THR A 254 0.52 17.97 10.43
C THR A 254 1.28 17.10 9.43
N PHE A 255 2.45 17.54 8.98
CA PHE A 255 3.27 16.72 8.10
C PHE A 255 3.75 15.46 8.82
N SER A 256 3.96 15.55 10.13
CA SER A 256 4.31 14.37 10.92
C SER A 256 3.12 13.44 11.13
N PHE A 257 1.90 13.97 11.00
CA PHE A 257 0.68 13.17 11.17
C PHE A 257 0.20 12.52 9.89
N GLY A 258 0.92 12.73 8.78
CA GLY A 258 0.52 12.18 7.50
C GLY A 258 -0.40 13.07 6.68
N TYR A 259 -0.84 14.20 7.23
CA TYR A 259 -1.72 15.11 6.53
C TYR A 259 -0.90 16.21 5.86
N GLY A 260 -1.29 16.58 4.65
CA GLY A 260 -0.57 17.55 3.86
C GLY A 260 0.12 16.97 2.64
N LEU A 261 0.09 15.66 2.47
CA LEU A 261 0.66 15.00 1.30
C LEU A 261 -0.25 13.86 0.89
N MET A 262 -0.41 13.66 -0.41
CA MET A 262 -1.27 12.62 -0.96
C MET A 262 -0.43 11.63 -1.76
N VAL A 263 -0.65 10.35 -1.50
CA VAL A 263 0.08 9.27 -2.16
C VAL A 263 -0.89 8.17 -2.55
N THR A 264 -0.50 7.41 -3.57
CA THR A 264 -1.31 6.30 -4.04
C THR A 264 -1.09 5.08 -3.16
N PRO A 265 -2.07 4.16 -3.12
CA PRO A 265 -1.87 2.91 -2.37
C PRO A 265 -0.65 2.13 -2.81
N LEU A 266 -0.23 2.28 -4.06
CA LEU A 266 0.97 1.59 -4.52
C LEU A 266 2.22 2.21 -3.94
N GLN A 267 2.26 3.54 -3.84
CA GLN A 267 3.41 4.21 -3.24
C GLN A 267 3.54 3.85 -1.76
N LEU A 268 2.42 3.80 -1.04
CA LEU A 268 2.47 3.42 0.37
C LEU A 268 2.93 1.99 0.55
N ALA A 269 2.64 1.12 -0.41
CA ALA A 269 3.13 -0.26 -0.34
C ALA A 269 4.63 -0.33 -0.58
N ARG A 270 5.16 0.53 -1.46
CA ARG A 270 6.59 0.57 -1.68
C ARG A 270 7.34 1.08 -0.46
N VAL A 271 6.71 1.94 0.33
CA VAL A 271 7.33 2.46 1.54
C VAL A 271 7.55 1.33 2.55
N TYR A 272 6.49 0.56 2.82
CA TYR A 272 6.62 -0.55 3.75
C TYR A 272 7.39 -1.73 3.14
N ALA A 273 7.44 -1.83 1.81
CA ALA A 273 8.37 -2.77 1.20
C ALA A 273 9.81 -2.37 1.48
N THR A 274 10.07 -1.06 1.59
CA THR A 274 11.39 -0.58 1.98
C THR A 274 11.61 -0.74 3.48
N ILE A 275 10.55 -0.57 4.28
CA ILE A 275 10.64 -0.80 5.71
C ILE A 275 10.92 -2.27 5.99
N GLY A 276 10.29 -3.17 5.23
CA GLY A 276 10.53 -4.58 5.41
C GLY A 276 11.94 -4.99 5.04
N SER A 277 12.53 -4.33 4.06
CA SER A 277 13.91 -4.62 3.66
C SER A 277 14.93 -3.97 4.57
N TYR A 278 14.48 -3.35 5.68
CA TYR A 278 15.36 -2.70 6.65
C TYR A 278 16.19 -1.60 6.00
N GLY A 279 15.53 -0.78 5.18
CA GLY A 279 16.17 0.37 4.58
C GLY A 279 16.82 0.11 3.24
N ILE A 280 16.13 -0.61 2.36
CA ILE A 280 16.61 -0.88 1.00
C ILE A 280 15.49 -0.52 0.04
N TYR A 281 15.76 0.44 -0.85
CA TYR A 281 14.77 0.96 -1.79
C TYR A 281 14.94 0.21 -3.11
N ARG A 282 14.02 -0.73 -3.39
CA ARG A 282 14.02 -1.47 -4.63
C ARG A 282 12.85 -1.04 -5.52
N PRO A 283 13.06 -0.94 -6.83
CA PRO A 283 11.98 -0.47 -7.71
C PRO A 283 10.87 -1.51 -7.83
N LEU A 284 9.66 -1.00 -8.04
CA LEU A 284 8.50 -1.87 -8.20
C LEU A 284 8.43 -2.42 -9.62
N SER A 285 7.86 -3.61 -9.75
CA SER A 285 7.73 -4.27 -11.03
C SER A 285 6.40 -5.00 -11.11
N ILE A 286 5.80 -4.98 -12.30
CA ILE A 286 4.55 -5.70 -12.54
C ILE A 286 4.77 -7.02 -13.26
N THR A 287 5.96 -7.25 -13.82
CA THR A 287 6.30 -8.50 -14.49
C THR A 287 7.27 -9.30 -13.63
N LYS A 288 7.43 -10.57 -14.00
CA LYS A 288 8.33 -11.45 -13.27
C LYS A 288 9.78 -11.02 -13.52
N VAL A 289 10.54 -10.87 -12.44
CA VAL A 289 11.92 -10.39 -12.50
C VAL A 289 12.85 -11.55 -12.19
N ASP A 290 14.02 -11.54 -12.83
CA ASP A 290 15.05 -12.53 -12.57
C ASP A 290 15.92 -12.04 -11.41
N PRO A 291 15.90 -12.70 -10.25
CA PRO A 291 16.74 -12.26 -9.14
C PRO A 291 18.22 -12.34 -9.51
N PRO A 292 19.08 -11.59 -8.81
CA PRO A 292 18.76 -10.70 -7.69
C PRO A 292 18.45 -9.27 -8.10
N VAL A 293 17.70 -8.56 -7.27
CA VAL A 293 17.43 -7.14 -7.47
C VAL A 293 18.23 -6.36 -6.43
N PRO A 294 19.32 -5.71 -6.81
CA PRO A 294 20.15 -5.02 -5.79
C PRO A 294 19.42 -3.86 -5.12
N GLY A 295 18.85 -2.94 -5.90
CA GLY A 295 18.17 -1.82 -5.30
C GLY A 295 19.17 -0.78 -4.80
N GLU A 296 18.84 -0.15 -3.67
CA GLU A 296 19.68 0.89 -3.10
C GLU A 296 19.28 1.12 -1.66
N ARG A 297 20.27 1.23 -0.77
CA ARG A 297 20.00 1.53 0.62
C ARG A 297 19.76 3.03 0.80
N VAL A 298 18.68 3.38 1.50
CA VAL A 298 18.34 4.77 1.76
C VAL A 298 18.30 5.11 3.23
N PHE A 299 18.35 4.12 4.12
CA PHE A 299 18.32 4.36 5.55
C PHE A 299 19.12 3.28 6.26
N PRO A 300 19.77 3.61 7.37
CA PRO A 300 20.56 2.60 8.08
C PRO A 300 19.71 1.42 8.52
N GLU A 301 20.30 0.22 8.44
CA GLU A 301 19.56 -1.00 8.75
C GLU A 301 19.26 -1.10 10.25
N SER A 302 20.18 -0.62 11.09
CA SER A 302 20.00 -0.76 12.54
C SER A 302 18.81 0.08 13.02
N ILE A 303 18.61 1.26 12.44
CA ILE A 303 17.51 2.12 12.89
C ILE A 303 16.17 1.53 12.46
N VAL A 304 16.07 1.07 11.21
CA VAL A 304 14.82 0.48 10.74
C VAL A 304 14.52 -0.81 11.48
N ARG A 305 15.56 -1.57 11.85
CA ARG A 305 15.35 -2.80 12.60
C ARG A 305 14.64 -2.54 13.91
N THR A 306 15.04 -1.49 14.63
CA THR A 306 14.42 -1.17 15.91
C THR A 306 12.98 -0.71 15.73
N VAL A 307 12.71 0.08 14.69
CA VAL A 307 11.36 0.58 14.47
C VAL A 307 10.42 -0.55 14.05
N VAL A 308 10.93 -1.49 13.25
CA VAL A 308 10.12 -2.66 12.89
C VAL A 308 9.74 -3.44 14.13
N HIS A 309 10.68 -3.58 15.08
CA HIS A 309 10.38 -4.27 16.32
C HIS A 309 9.40 -3.48 17.17
N MET A 310 9.43 -2.15 17.09
CA MET A 310 8.49 -1.32 17.84
C MET A 310 7.10 -1.28 17.22
N MET A 311 6.98 -1.56 15.93
CA MET A 311 5.67 -1.57 15.28
C MET A 311 4.86 -2.80 15.61
N GLU A 312 5.46 -3.80 16.26
CA GLU A 312 4.69 -4.98 16.66
C GLU A 312 3.73 -4.70 17.79
N SER A 313 3.95 -3.62 18.55
CA SER A 313 3.06 -3.27 19.65
C SER A 313 1.68 -2.83 19.14
N VAL A 314 1.58 -2.45 17.87
CA VAL A 314 0.28 -2.04 17.32
C VAL A 314 -0.66 -3.24 17.25
N ALA A 315 -0.13 -4.42 16.93
CA ALA A 315 -0.93 -5.63 16.83
C ALA A 315 -1.06 -6.37 18.16
N LEU A 316 -0.16 -6.11 19.11
CA LEU A 316 -0.23 -6.74 20.41
C LEU A 316 -1.29 -6.05 21.28
N PRO A 317 -1.75 -6.70 22.35
CA PRO A 317 -2.72 -6.06 23.24
C PRO A 317 -2.26 -4.72 23.77
N GLY A 318 -2.91 -3.65 23.31
CA GLY A 318 -2.54 -2.30 23.68
C GLY A 318 -2.50 -1.35 22.50
N GLY A 319 -2.18 -1.88 21.32
CA GLY A 319 -2.09 -1.07 20.13
C GLY A 319 -3.42 -0.94 19.40
N GLY A 320 -3.46 -0.02 18.44
CA GLY A 320 -4.66 0.23 17.66
C GLY A 320 -4.95 -0.78 16.58
N GLY A 321 -4.01 -1.68 16.30
CA GLY A 321 -4.22 -2.70 15.28
C GLY A 321 -4.25 -4.10 15.85
N VAL A 322 -4.70 -4.24 17.09
CA VAL A 322 -4.77 -5.56 17.72
C VAL A 322 -5.81 -6.42 17.03
N LYS A 323 -6.81 -5.81 16.39
CA LYS A 323 -7.83 -6.54 15.65
C LYS A 323 -7.30 -7.12 14.34
N ALA A 324 -6.04 -6.85 14.00
CA ALA A 324 -5.44 -7.35 12.77
C ALA A 324 -4.43 -8.47 13.03
N ALA A 325 -4.37 -9.00 14.25
CA ALA A 325 -3.38 -10.02 14.58
C ALA A 325 -3.66 -11.31 13.83
N ILE A 326 -2.60 -12.09 13.63
CA ILE A 326 -2.67 -13.39 12.97
C ILE A 326 -2.18 -14.45 13.94
N LYS A 327 -2.90 -15.56 14.00
CA LYS A 327 -2.57 -16.64 14.93
C LYS A 327 -1.21 -17.25 14.56
N GLY A 328 -0.26 -17.18 15.48
CA GLY A 328 1.04 -17.78 15.26
C GLY A 328 1.98 -16.99 14.39
N TYR A 329 1.85 -15.66 14.37
CA TYR A 329 2.72 -14.82 13.56
C TYR A 329 2.91 -13.47 14.25
N ARG A 330 4.08 -12.88 14.03
CA ARG A 330 4.39 -11.53 14.47
C ARG A 330 4.30 -10.60 13.27
N ILE A 331 3.59 -9.48 13.44
CA ILE A 331 3.39 -8.52 12.37
C ILE A 331 3.73 -7.13 12.87
N ALA A 332 4.29 -6.32 11.98
CA ALA A 332 4.63 -4.92 12.26
C ALA A 332 3.74 -4.06 11.37
N ILE A 333 2.58 -3.69 11.89
CA ILE A 333 1.55 -3.02 11.09
C ILE A 333 1.37 -1.59 11.59
N LYS A 334 0.47 -0.85 10.93
CA LYS A 334 0.16 0.52 11.33
C LYS A 334 -1.18 0.87 10.71
N THR A 335 -2.21 1.00 11.53
CA THR A 335 -3.56 1.28 11.07
C THR A 335 -4.00 2.67 11.51
N GLY A 336 -5.08 3.14 10.92
CA GLY A 336 -5.61 4.46 11.25
C GLY A 336 -6.79 4.79 10.37
N THR A 337 -7.40 5.94 10.68
CA THR A 337 -8.55 6.43 9.94
C THR A 337 -8.42 7.94 9.76
N ALA A 338 -8.55 8.40 8.51
CA ALA A 338 -8.43 9.82 8.21
C ALA A 338 -9.74 10.38 7.67
N LYS A 339 -9.67 11.55 7.04
CA LYS A 339 -10.83 12.23 6.49
C LYS A 339 -10.59 12.52 5.01
N LYS A 340 -11.63 12.32 4.20
CA LYS A 340 -11.50 12.55 2.76
C LYS A 340 -11.33 14.03 2.45
N VAL A 341 -10.68 14.30 1.33
CA VAL A 341 -10.47 15.66 0.84
C VAL A 341 -11.07 15.74 -0.55
N GLY A 342 -12.14 16.51 -0.68
CA GLY A 342 -12.82 16.67 -1.95
C GLY A 342 -12.03 17.55 -2.91
N PRO A 343 -12.62 17.87 -4.06
CA PRO A 343 -11.93 18.74 -5.03
C PRO A 343 -11.74 20.15 -4.53
N ASP A 344 -12.52 20.60 -3.54
CA ASP A 344 -12.35 21.93 -2.98
C ASP A 344 -11.05 22.05 -2.20
N GLY A 345 -10.51 20.94 -1.69
CA GLY A 345 -9.32 20.98 -0.87
C GLY A 345 -9.56 20.96 0.62
N ARG A 346 -10.80 20.79 1.05
CA ARG A 346 -11.16 20.76 2.46
C ARG A 346 -11.63 19.37 2.84
N TYR A 347 -11.74 19.14 4.15
CA TYR A 347 -12.18 17.86 4.68
C TYR A 347 -13.70 17.74 4.59
N ILE A 348 -14.17 16.64 4.03
CA ILE A 348 -15.58 16.33 3.99
C ILE A 348 -15.89 15.30 5.08
N ASN A 349 -17.17 15.11 5.36
CA ASN A 349 -17.57 14.21 6.44
C ASN A 349 -17.59 12.76 5.97
N LYS A 350 -16.51 12.34 5.31
CA LYS A 350 -16.35 10.97 4.85
C LYS A 350 -14.96 10.49 5.23
N TYR A 351 -14.87 9.28 5.78
CA TYR A 351 -13.62 8.78 6.34
C TYR A 351 -12.96 7.79 5.39
N ILE A 352 -11.69 7.49 5.67
CA ILE A 352 -10.91 6.52 4.93
C ILE A 352 -10.12 5.70 5.94
N ALA A 353 -10.33 4.39 5.94
CA ALA A 353 -9.60 3.47 6.83
C ALA A 353 -8.48 2.81 6.06
N TYR A 354 -7.29 2.79 6.66
CA TYR A 354 -6.10 2.25 6.01
C TYR A 354 -5.30 1.43 7.02
N THR A 355 -4.58 0.44 6.51
CA THR A 355 -3.73 -0.40 7.34
C THR A 355 -2.57 -0.90 6.47
N ALA A 356 -1.34 -0.63 6.92
CA ALA A 356 -0.15 -1.04 6.19
C ALA A 356 0.83 -1.70 7.14
N GLY A 357 1.46 -2.78 6.70
CA GLY A 357 2.41 -3.48 7.54
C GLY A 357 3.15 -4.55 6.75
N VAL A 358 4.09 -5.19 7.44
CA VAL A 358 4.89 -6.27 6.88
C VAL A 358 4.84 -7.47 7.82
N ALA A 359 5.18 -8.63 7.28
CA ALA A 359 5.14 -9.88 8.05
C ALA A 359 6.04 -10.89 7.36
N PRO A 360 6.70 -11.78 8.12
CA PRO A 360 6.70 -11.83 9.59
C PRO A 360 7.70 -10.84 10.19
N ALA A 361 7.49 -10.47 11.46
CA ALA A 361 8.35 -9.48 12.08
C ALA A 361 9.79 -9.99 12.29
N SER A 362 9.99 -11.30 12.27
CA SER A 362 11.34 -11.85 12.38
C SER A 362 12.17 -11.44 11.17
N GLN A 363 11.72 -11.82 9.97
CA GLN A 363 12.34 -11.36 8.72
C GLN A 363 11.21 -11.24 7.70
N PRO A 364 10.71 -10.03 7.46
CA PRO A 364 9.51 -9.89 6.61
C PRO A 364 9.80 -10.22 5.15
N ARG A 365 8.82 -10.86 4.52
N ARG A 365 8.80 -10.85 4.51
CA ARG A 365 8.89 -11.18 3.10
CA ARG A 365 8.88 -11.20 3.11
C ARG A 365 7.84 -10.48 2.26
C ARG A 365 7.80 -10.56 2.25
N PHE A 366 6.72 -10.04 2.85
CA PHE A 366 5.64 -9.43 2.12
C PHE A 366 5.28 -8.09 2.75
N ALA A 367 4.76 -7.18 1.92
CA ALA A 367 4.26 -5.88 2.37
C ALA A 367 2.87 -5.68 1.82
N LEU A 368 1.92 -5.39 2.70
CA LEU A 368 0.51 -5.28 2.33
C LEU A 368 -0.02 -3.90 2.70
N VAL A 369 -0.89 -3.36 1.85
CA VAL A 369 -1.59 -2.11 2.09
C VAL A 369 -3.06 -2.32 1.76
N VAL A 370 -3.94 -2.01 2.72
CA VAL A 370 -5.38 -2.15 2.54
C VAL A 370 -6.02 -0.79 2.82
N VAL A 371 -6.76 -0.28 1.84
CA VAL A 371 -7.44 1.00 1.95
C VAL A 371 -8.93 0.77 1.70
N ILE A 372 -9.75 1.13 2.68
CA ILE A 372 -11.20 1.03 2.58
C ILE A 372 -11.75 2.44 2.52
N ASN A 373 -12.33 2.80 1.37
CA ASN A 373 -12.77 4.17 1.12
C ASN A 373 -14.24 4.34 1.50
N ASP A 374 -14.51 5.35 2.33
CA ASP A 374 -15.86 5.73 2.76
C ASP A 374 -16.61 4.58 3.40
N PRO A 375 -16.20 4.12 4.60
CA PRO A 375 -16.98 3.09 5.28
C PRO A 375 -18.20 3.67 5.99
N GLN A 376 -19.33 3.72 5.30
CA GLN A 376 -20.55 4.29 5.85
C GLN A 376 -21.02 3.52 7.08
N ALA A 377 -21.47 2.28 6.86
CA ALA A 377 -21.90 1.44 7.97
C ALA A 377 -20.72 0.78 8.65
N GLY A 378 -20.91 0.41 9.91
CA GLY A 378 -19.89 -0.25 10.70
C GLY A 378 -19.37 0.63 11.81
N LYS A 379 -18.30 0.15 12.44
CA LYS A 379 -17.66 0.85 13.56
C LYS A 379 -16.17 0.97 13.30
N TYR A 380 -15.57 1.99 13.90
CA TYR A 380 -14.14 2.25 13.74
C TYR A 380 -13.31 1.80 14.93
N TYR A 381 -13.94 1.41 16.04
CA TYR A 381 -13.22 0.97 17.23
C TYR A 381 -13.23 -0.54 17.35
N ALA A 384 -10.20 0.90 13.58
CA ALA A 384 -10.36 1.06 12.14
C ALA A 384 -11.04 -0.16 11.53
N VAL A 385 -11.78 0.07 10.44
CA VAL A 385 -12.46 -1.04 9.77
C VAL A 385 -11.51 -1.83 8.88
N SER A 386 -10.35 -1.28 8.55
CA SER A 386 -9.39 -1.93 7.66
C SER A 386 -8.43 -2.86 8.41
N ALA A 387 -8.47 -2.88 9.74
CA ALA A 387 -7.57 -3.77 10.48
C ALA A 387 -7.94 -5.24 10.29
N PRO A 388 -9.18 -5.69 10.50
CA PRO A 388 -9.48 -7.11 10.31
C PRO A 388 -9.25 -7.60 8.89
N VAL A 389 -9.31 -6.71 7.90
CA VAL A 389 -9.06 -7.12 6.52
C VAL A 389 -7.58 -7.41 6.31
N PHE A 390 -6.70 -6.67 7.00
CA PHE A 390 -5.28 -6.90 6.87
C PHE A 390 -4.89 -8.28 7.37
N GLY A 391 -5.30 -8.62 8.61
CA GLY A 391 -4.99 -9.93 9.15
C GLY A 391 -5.60 -11.07 8.36
N ALA A 392 -6.75 -10.82 7.74
CA ALA A 392 -7.37 -11.85 6.90
C ALA A 392 -6.62 -12.04 5.60
N ILE A 393 -6.19 -10.92 4.97
CA ILE A 393 -5.45 -11.02 3.72
C ILE A 393 -4.04 -11.55 3.98
N MET A 394 -3.31 -10.90 4.90
CA MET A 394 -1.95 -11.33 5.20
C MET A 394 -1.92 -12.75 5.74
N GLY A 395 -2.93 -13.14 6.53
CA GLY A 395 -2.98 -14.49 7.05
C GLY A 395 -3.04 -15.54 5.95
N GLY A 396 -3.83 -15.27 4.91
CA GLY A 396 -3.89 -16.20 3.79
C GLY A 396 -2.63 -16.19 2.95
N VAL A 397 -1.90 -15.07 2.93
CA VAL A 397 -0.68 -15.00 2.15
C VAL A 397 0.44 -15.79 2.83
N LEU A 398 0.57 -15.63 4.15
CA LEU A 398 1.62 -16.34 4.88
C LEU A 398 1.40 -17.84 4.84
N ARG A 399 0.14 -18.28 4.89
CA ARG A 399 -0.15 -19.71 4.86
C ARG A 399 0.00 -20.29 3.47
N THR A 400 -0.35 -19.52 2.44
CA THR A 400 -0.23 -20.02 1.07
C THR A 400 1.24 -20.18 0.67
N MET A 401 2.09 -19.25 1.06
CA MET A 401 3.51 -19.30 0.74
C MET A 401 4.30 -20.16 1.73
N ASN A 402 3.62 -20.83 2.66
CA ASN A 402 4.24 -21.80 3.56
C ASN A 402 5.32 -21.16 4.44
N ILE A 403 5.04 -19.94 4.90
CA ILE A 403 5.95 -19.26 5.82
C ILE A 403 5.79 -19.86 7.21
N GLU A 404 6.91 -20.18 7.85
CA GLU A 404 6.87 -20.81 9.16
C GLU A 404 6.31 -19.83 10.20
N PRO A 405 5.65 -20.35 11.23
CA PRO A 405 5.12 -19.47 12.28
C PRO A 405 6.21 -18.66 12.96
N ASP A 406 5.84 -17.48 13.43
CA ASP A 406 6.78 -16.54 14.04
C ASP A 406 6.60 -16.44 15.55
N ALA A 407 5.37 -16.32 16.03
CA ALA A 407 5.09 -16.19 17.45
C ALA A 407 4.51 -17.49 17.99
N LEU A 408 4.53 -17.61 19.32
CA LEU A 408 3.96 -18.78 19.97
C LEU A 408 2.45 -18.74 19.93
N THR A 409 1.84 -19.91 19.76
CA THR A 409 0.38 -20.01 19.69
C THR A 409 -0.22 -20.15 21.09
#